data_7ATM
#
_entry.id   7ATM
#
_cell.length_a   69.845
_cell.length_b   80.951
_cell.length_c   88.800
_cell.angle_alpha   90.000
_cell.angle_beta   90.000
_cell.angle_gamma   90.000
#
_symmetry.space_group_name_H-M   'P 21 21 21'
#
loop_
_entity.id
_entity.type
_entity.pdbx_description
1 polymer 'Peptidoglycan D,D-transpeptidase FtsI'
2 non-polymer GLYCEROL
3 non-polymer '(3-(1H-tetrazol-5-yl)phenyl)boronic acid'
4 non-polymer 'DIMETHYL SULFOXIDE'
5 water water
#
_entity_poly.entity_id   1
_entity_poly.type   'polypeptide(L)'
_entity_poly.pdbx_seq_one_letter_code
;GPGYQDPARSVRHIAIPAHRGLITDRNGEPLAVSTPVTTLWANPKELMTAKERWPQLAAALGQDTKLFADRIEQNAEREF
IYLVRGLTPEQGEGVIALKVPGVYSIEEFRRFYPAGEVVAHAVGFTDVDDRGREGIELAFDEWLAGVPGKRQVLKDRRGR
VIKDVQVTKNAKPGKTLALSIDLRLQYLAHRELRNALLENGAKAGSLVIMDVKTGEILAMTNQPTYNPNNRRNLQPAAMR
NRAMIDVFEPGSTVKPFSMSAALASGRWKPSDIVDVYPGTLQIGRYTIRDVSRNSRQLDLTGILIKSSNVGISKIAFDIG
AESIYSVMQQVGLGQDTGLGFPGERVGNLPNHRKWPKAETATLAYGYGLSVTAIQLAHAYAALANDGKSVPLSMTRVDRV
PDGVQVISPEVASTVQGMLQQVVEAQGGVFRAQVPGYHAAGKSGTARKVSVGTKGYRENAYRSLFAGFAPATDPRIAMVV
VIDEPSKAGYFGGLVSAPVFSKVMAGALRLMNVPPDNLPTATEQQQVNAAPAKGGRG
;
_entity_poly.pdbx_strand_id   A
#
loop_
_chem_comp.id
_chem_comp.type
_chem_comp.name
_chem_comp.formula
DMS non-polymer 'DIMETHYL SULFOXIDE' 'C2 H6 O S'
GOL non-polymer GLYCEROL 'C3 H8 O3'
RY2 non-polymer '(3-(1H-tetrazol-5-yl)phenyl)boronic acid' 'C7 H7 B N4 O2'
#
# COMPACT_ATOMS: atom_id res chain seq x y z
N ALA A 15 -25.36 -6.77 -27.80
CA ALA A 15 -24.37 -6.69 -26.65
C ALA A 15 -25.11 -6.92 -25.33
N ILE A 16 -24.96 -8.10 -24.73
CA ILE A 16 -25.71 -8.55 -23.51
C ILE A 16 -24.77 -8.56 -22.30
N PRO A 17 -24.72 -7.47 -21.49
CA PRO A 17 -23.73 -7.35 -20.41
C PRO A 17 -23.68 -8.54 -19.44
N ALA A 18 -22.48 -8.98 -19.08
CA ALA A 18 -22.21 -10.08 -18.11
C ALA A 18 -22.16 -9.53 -16.67
N HIS A 19 -22.66 -10.33 -15.73
CA HIS A 19 -22.57 -10.11 -14.27
C HIS A 19 -21.08 -10.17 -13.87
N ARG A 20 -20.54 -9.05 -13.41
CA ARG A 20 -19.12 -8.93 -12.97
C ARG A 20 -18.92 -9.75 -11.68
N GLY A 21 -17.78 -10.46 -11.57
CA GLY A 21 -17.43 -11.32 -10.44
C GLY A 21 -17.48 -10.58 -9.12
N LEU A 22 -17.92 -11.22 -8.06
CA LEU A 22 -17.87 -10.65 -6.68
C LEU A 22 -16.40 -10.55 -6.24
N ILE A 23 -15.99 -9.41 -5.71
CA ILE A 23 -14.71 -9.31 -4.97
C ILE A 23 -15.06 -9.37 -3.47
N THR A 24 -14.43 -10.30 -2.74
CA THR A 24 -14.55 -10.35 -1.27
C THR A 24 -13.21 -10.12 -0.61
N ASP A 25 -13.25 -9.90 0.72
CA ASP A 25 -12.04 -9.97 1.56
C ASP A 25 -11.68 -11.45 1.76
N ARG A 26 -10.64 -11.71 2.56
CA ARG A 26 -10.11 -13.10 2.66
C ARG A 26 -11.13 -13.99 3.39
N ASN A 27 -12.11 -13.39 4.09
CA ASN A 27 -13.12 -14.11 4.91
C ASN A 27 -14.47 -14.07 4.21
N GLY A 28 -14.51 -13.68 2.93
CA GLY A 28 -15.78 -13.69 2.19
C GLY A 28 -16.64 -12.45 2.38
N GLU A 29 -16.22 -11.41 3.12
CA GLU A 29 -17.00 -10.14 3.22
C GLU A 29 -17.02 -9.46 1.85
N PRO A 30 -18.20 -9.08 1.31
CA PRO A 30 -18.28 -8.41 0.01
C PRO A 30 -17.54 -7.06 -0.01
N LEU A 31 -16.69 -6.83 -1.05
CA LEU A 31 -16.01 -5.54 -1.27
C LEU A 31 -16.43 -4.88 -2.58
N ALA A 32 -16.83 -5.65 -3.57
CA ALA A 32 -17.33 -5.09 -4.84
C ALA A 32 -18.42 -6.02 -5.36
N VAL A 33 -19.63 -5.48 -5.54
CA VAL A 33 -20.83 -6.29 -5.85
C VAL A 33 -21.53 -5.72 -7.07
N SER A 34 -21.86 -6.56 -8.05
CA SER A 34 -22.59 -6.12 -9.27
C SER A 34 -24.05 -5.83 -8.89
N THR A 35 -24.52 -4.60 -9.11
CA THR A 35 -25.91 -4.16 -8.81
C THR A 35 -26.64 -4.01 -10.13
N PRO A 36 -27.82 -4.65 -10.33
CA PRO A 36 -28.67 -4.40 -11.51
C PRO A 36 -29.06 -2.93 -11.71
N VAL A 37 -28.89 -2.44 -12.93
CA VAL A 37 -29.39 -1.10 -13.35
C VAL A 37 -30.02 -1.26 -14.74
N THR A 38 -30.79 -0.26 -15.19
CA THR A 38 -31.53 -0.33 -16.48
C THR A 38 -31.06 0.82 -17.35
N THR A 39 -30.55 0.50 -18.53
CA THR A 39 -30.16 1.47 -19.58
C THR A 39 -31.31 1.58 -20.59
N LEU A 40 -31.59 2.79 -21.08
CA LEU A 40 -32.65 3.00 -22.11
C LEU A 40 -31.99 3.56 -23.35
N TRP A 41 -32.33 2.99 -24.50
CA TRP A 41 -31.93 3.50 -25.83
C TRP A 41 -33.20 3.64 -26.70
N ALA A 42 -33.10 4.36 -27.80
CA ALA A 42 -34.30 4.71 -28.60
C ALA A 42 -33.96 4.63 -30.09
N ASN A 43 -34.95 4.19 -30.89
CA ASN A 43 -34.92 4.44 -32.34
C ASN A 43 -35.57 5.80 -32.58
N PRO A 44 -34.78 6.87 -32.83
CA PRO A 44 -35.34 8.19 -33.09
C PRO A 44 -36.64 8.13 -33.90
N LYS A 45 -36.58 7.56 -35.11
CA LYS A 45 -37.67 7.64 -36.12
C LYS A 45 -38.96 7.06 -35.51
N GLU A 46 -38.85 6.04 -34.66
CA GLU A 46 -40.01 5.40 -33.97
C GLU A 46 -40.52 6.27 -32.81
N LEU A 47 -39.59 6.96 -32.13
CA LEU A 47 -39.88 7.90 -31.01
C LEU A 47 -40.62 9.13 -31.57
N MET A 48 -40.20 9.58 -32.77
CA MET A 48 -40.82 10.63 -33.62
C MET A 48 -42.33 10.46 -33.81
N THR A 49 -42.87 9.25 -33.66
CA THR A 49 -44.32 8.97 -33.87
C THR A 49 -45.11 9.28 -32.60
N ALA A 50 -44.45 9.67 -31.50
CA ALA A 50 -45.13 9.81 -30.18
C ALA A 50 -44.68 11.08 -29.44
N LYS A 51 -44.56 12.21 -30.12
CA LYS A 51 -43.94 13.44 -29.54
C LYS A 51 -44.74 13.98 -28.36
N GLU A 52 -46.06 13.76 -28.29
CA GLU A 52 -46.86 14.28 -27.15
C GLU A 52 -46.42 13.55 -25.89
N ARG A 53 -45.73 12.40 -26.03
CA ARG A 53 -45.28 11.60 -24.87
C ARG A 53 -43.93 12.11 -24.37
N TRP A 54 -43.18 12.83 -25.21
CA TRP A 54 -41.77 13.18 -24.92
C TRP A 54 -41.63 13.90 -23.58
N PRO A 55 -42.38 14.95 -23.24
CA PRO A 55 -42.17 15.60 -21.94
C PRO A 55 -42.36 14.67 -20.73
N GLN A 56 -43.30 13.71 -20.76
CA GLN A 56 -43.46 12.78 -19.61
C GLN A 56 -42.26 11.81 -19.60
N LEU A 57 -41.77 11.38 -20.77
CA LEU A 57 -40.55 10.55 -20.89
C LEU A 57 -39.35 11.35 -20.34
N ALA A 58 -39.07 12.52 -20.87
CA ALA A 58 -37.94 13.39 -20.44
C ALA A 58 -37.89 13.49 -18.90
N ALA A 59 -38.96 13.94 -18.26
CA ALA A 59 -39.11 14.05 -16.79
C ALA A 59 -38.74 12.73 -16.11
N ALA A 60 -39.26 11.60 -16.58
CA ALA A 60 -38.98 10.28 -15.99
C ALA A 60 -37.50 9.92 -16.18
N LEU A 61 -36.82 10.54 -17.15
CA LEU A 61 -35.37 10.31 -17.40
C LEU A 61 -34.53 11.26 -16.53
N GLY A 62 -35.16 12.26 -15.91
CA GLY A 62 -34.51 13.37 -15.20
C GLY A 62 -33.85 14.33 -16.17
N GLN A 63 -34.32 14.35 -17.42
CA GLN A 63 -33.73 15.20 -18.49
C GLN A 63 -34.68 16.35 -18.78
N ASP A 64 -34.13 17.43 -19.32
CA ASP A 64 -34.86 18.68 -19.59
C ASP A 64 -35.74 18.49 -20.84
N THR A 65 -36.95 19.05 -20.85
CA THR A 65 -37.93 18.83 -21.94
C THR A 65 -37.33 19.22 -23.28
N LYS A 66 -36.83 20.44 -23.40
CA LYS A 66 -36.31 20.94 -24.69
C LYS A 66 -34.96 20.32 -25.04
N LEU A 67 -34.09 20.08 -24.05
CA LEU A 67 -32.77 19.43 -24.33
C LEU A 67 -33.06 18.03 -24.85
N PHE A 68 -33.99 17.32 -24.21
CA PHE A 68 -34.41 15.97 -24.64
C PHE A 68 -34.92 16.00 -26.08
N ALA A 69 -35.83 16.94 -26.40
CA ALA A 69 -36.47 17.01 -27.74
C ALA A 69 -35.40 17.30 -28.80
N ASP A 70 -34.52 18.26 -28.54
CA ASP A 70 -33.44 18.61 -29.49
C ASP A 70 -32.63 17.35 -29.81
N ARG A 71 -32.29 16.57 -28.78
CA ARG A 71 -31.42 15.38 -28.94
C ARG A 71 -32.11 14.40 -29.91
N ILE A 72 -33.39 14.09 -29.69
CA ILE A 72 -34.17 13.20 -30.61
C ILE A 72 -34.15 13.82 -32.01
N GLU A 73 -34.54 15.07 -32.16
CA GLU A 73 -34.61 15.73 -33.50
C GLU A 73 -33.23 15.71 -34.17
N GLN A 74 -32.20 16.18 -33.46
CA GLN A 74 -30.81 16.33 -33.99
C GLN A 74 -30.24 14.96 -34.37
N ASN A 75 -30.67 13.88 -33.72
CA ASN A 75 -30.21 12.49 -34.01
C ASN A 75 -31.32 11.72 -34.74
N ALA A 76 -32.14 12.41 -35.54
CA ALA A 76 -33.25 11.81 -36.32
C ALA A 76 -32.67 10.84 -37.37
N GLU A 77 -31.42 11.09 -37.77
CA GLU A 77 -30.69 10.34 -38.83
C GLU A 77 -30.21 8.98 -38.29
N ARG A 78 -30.11 8.83 -36.97
CA ARG A 78 -29.63 7.58 -36.33
C ARG A 78 -30.82 6.61 -36.13
N GLU A 79 -30.49 5.33 -35.93
CA GLU A 79 -31.45 4.24 -35.62
C GLU A 79 -31.25 3.78 -34.17
N PHE A 80 -30.11 4.16 -33.58
CA PHE A 80 -29.73 3.87 -32.18
C PHE A 80 -29.18 5.13 -31.52
N ILE A 81 -29.73 5.51 -30.36
CA ILE A 81 -29.10 6.43 -29.38
C ILE A 81 -29.40 5.90 -27.98
N TYR A 82 -28.46 6.10 -27.06
CA TYR A 82 -28.69 6.02 -25.59
C TYR A 82 -29.58 7.19 -25.18
N LEU A 83 -30.60 6.91 -24.37
CA LEU A 83 -31.38 7.97 -23.68
C LEU A 83 -30.74 8.19 -22.32
N VAL A 84 -30.54 7.11 -21.57
CA VAL A 84 -30.01 7.21 -20.19
C VAL A 84 -29.29 5.90 -19.85
N ARG A 85 -28.19 5.97 -19.10
CA ARG A 85 -27.43 4.78 -18.62
C ARG A 85 -27.70 4.61 -17.13
N GLY A 86 -27.98 3.38 -16.72
CA GLY A 86 -27.98 2.94 -15.33
C GLY A 86 -28.97 3.68 -14.45
N LEU A 87 -30.26 3.72 -14.81
CA LEU A 87 -31.34 3.97 -13.82
C LEU A 87 -31.40 2.76 -12.85
N THR A 88 -32.10 2.90 -11.73
CA THR A 88 -32.50 1.74 -10.90
C THR A 88 -33.50 0.91 -11.70
N PRO A 89 -33.64 -0.39 -11.36
CA PRO A 89 -34.61 -1.26 -12.01
C PRO A 89 -36.05 -0.73 -11.85
N GLU A 90 -36.38 -0.17 -10.69
CA GLU A 90 -37.68 0.49 -10.38
C GLU A 90 -37.96 1.60 -11.40
N GLN A 91 -37.09 2.62 -11.44
CA GLN A 91 -37.14 3.76 -12.38
C GLN A 91 -37.26 3.24 -13.82
N GLY A 92 -36.41 2.28 -14.21
CA GLY A 92 -36.51 1.58 -15.50
C GLY A 92 -37.91 1.07 -15.77
N GLU A 93 -38.55 0.44 -14.77
CA GLU A 93 -39.92 -0.11 -14.90
C GLU A 93 -40.88 1.07 -15.11
N GLY A 94 -40.70 2.13 -14.32
CA GLY A 94 -41.43 3.42 -14.41
C GLY A 94 -41.44 3.95 -15.83
N VAL A 95 -40.27 4.02 -16.50
CA VAL A 95 -40.14 4.52 -17.90
C VAL A 95 -40.86 3.52 -18.82
N ILE A 96 -40.59 2.23 -18.67
CA ILE A 96 -41.16 1.18 -19.58
C ILE A 96 -42.68 1.18 -19.44
N ALA A 97 -43.21 1.41 -18.24
CA ALA A 97 -44.66 1.44 -17.92
C ALA A 97 -45.36 2.64 -18.59
N LEU A 98 -44.62 3.62 -19.12
CA LEU A 98 -45.21 4.71 -19.96
C LEU A 98 -45.54 4.17 -21.35
N LYS A 99 -44.86 3.09 -21.76
CA LYS A 99 -45.08 2.35 -23.03
C LYS A 99 -45.06 3.33 -24.20
N VAL A 100 -43.99 4.11 -24.29
CA VAL A 100 -43.69 5.06 -25.39
C VAL A 100 -43.05 4.29 -26.54
N PRO A 101 -43.59 4.42 -27.77
CA PRO A 101 -42.93 3.87 -28.95
C PRO A 101 -41.45 4.26 -29.09
N GLY A 102 -40.61 3.31 -29.56
CA GLY A 102 -39.20 3.53 -29.95
C GLY A 102 -38.23 3.43 -28.77
N VAL A 103 -38.75 3.10 -27.57
CA VAL A 103 -38.02 3.15 -26.28
C VAL A 103 -37.81 1.72 -25.76
N TYR A 104 -36.55 1.27 -25.82
CA TYR A 104 -36.05 -0.09 -25.45
C TYR A 104 -35.14 0.00 -24.21
N SER A 105 -35.08 -1.10 -23.44
CA SER A 105 -34.27 -1.24 -22.21
C SER A 105 -33.20 -2.32 -22.39
N ILE A 106 -32.01 -2.10 -21.83
CA ILE A 106 -30.92 -3.11 -21.63
C ILE A 106 -30.74 -3.27 -20.13
N GLU A 107 -30.63 -4.50 -19.63
CA GLU A 107 -30.25 -4.77 -18.22
C GLU A 107 -28.72 -4.60 -18.17
N GLU A 108 -28.22 -3.70 -17.33
CA GLU A 108 -26.76 -3.51 -17.10
C GLU A 108 -26.45 -3.87 -15.63
N PHE A 109 -25.18 -3.70 -15.24
CA PHE A 109 -24.72 -3.83 -13.83
C PHE A 109 -23.82 -2.65 -13.49
N ARG A 110 -24.02 -2.10 -12.31
CA ARG A 110 -23.19 -1.04 -11.74
C ARG A 110 -22.58 -1.65 -10.48
N ARG A 111 -21.40 -1.19 -10.10
CA ARG A 111 -20.74 -1.73 -8.89
C ARG A 111 -21.26 -0.99 -7.68
N PHE A 112 -21.43 -1.75 -6.58
CA PHE A 112 -21.56 -1.19 -5.23
C PHE A 112 -20.33 -1.70 -4.42
N TYR A 113 -19.73 -0.79 -3.67
CA TYR A 113 -18.52 -0.99 -2.80
C TYR A 113 -18.98 -0.86 -1.36
N PRO A 114 -19.36 -1.98 -0.71
CA PRO A 114 -19.93 -1.90 0.66
C PRO A 114 -19.03 -1.21 1.68
N ALA A 115 -17.70 -1.30 1.55
CA ALA A 115 -16.78 -0.66 2.53
C ALA A 115 -16.34 0.74 2.10
N GLY A 116 -16.75 1.17 0.89
CA GLY A 116 -16.51 2.53 0.37
C GLY A 116 -15.07 2.96 0.52
N GLU A 117 -14.84 4.07 1.24
CA GLU A 117 -13.52 4.77 1.21
C GLU A 117 -12.49 3.91 1.95
N VAL A 118 -12.94 3.02 2.82
CA VAL A 118 -12.06 2.26 3.72
C VAL A 118 -11.08 1.39 2.94
N VAL A 119 -11.45 0.91 1.74
CA VAL A 119 -10.59 0.01 0.93
C VAL A 119 -10.58 0.49 -0.52
N ALA A 120 -10.73 1.80 -0.73
CA ALA A 120 -10.94 2.41 -2.05
C ALA A 120 -9.77 2.06 -2.96
N HIS A 121 -8.53 2.30 -2.50
CA HIS A 121 -7.36 2.19 -3.40
C HIS A 121 -7.07 0.73 -3.75
N ALA A 122 -7.18 -0.19 -2.79
CA ALA A 122 -6.92 -1.63 -3.00
C ALA A 122 -7.94 -2.20 -4.01
N VAL A 123 -9.22 -1.94 -3.80
CA VAL A 123 -10.30 -2.53 -4.65
C VAL A 123 -10.39 -1.78 -5.98
N GLY A 124 -10.26 -0.45 -5.94
CA GLY A 124 -10.44 0.40 -7.12
C GLY A 124 -11.91 0.46 -7.54
N PHE A 125 -12.14 0.67 -8.83
CA PHE A 125 -13.53 0.94 -9.32
C PHE A 125 -13.58 0.67 -10.81
N THR A 126 -14.81 0.58 -11.32
CA THR A 126 -15.16 0.37 -12.74
C THR A 126 -15.56 1.71 -13.38
N ASP A 127 -15.41 1.80 -14.70
CA ASP A 127 -15.80 2.99 -15.48
C ASP A 127 -17.28 2.84 -15.88
N VAL A 128 -17.78 3.76 -16.71
CA VAL A 128 -19.18 3.82 -17.23
C VAL A 128 -19.55 2.49 -17.86
N ASP A 129 -18.58 1.80 -18.47
CA ASP A 129 -18.78 0.53 -19.21
C ASP A 129 -18.62 -0.68 -18.29
N ASP A 130 -18.53 -0.48 -16.97
CA ASP A 130 -18.33 -1.55 -15.96
C ASP A 130 -16.98 -2.28 -16.17
N ARG A 131 -15.96 -1.57 -16.66
CA ARG A 131 -14.59 -2.12 -16.89
C ARG A 131 -13.66 -1.55 -15.82
N GLY A 132 -12.75 -2.38 -15.27
CA GLY A 132 -11.83 -1.91 -14.22
C GLY A 132 -11.04 -0.67 -14.61
N ARG A 133 -10.99 0.36 -13.77
CA ARG A 133 -10.23 1.61 -14.01
C ARG A 133 -9.06 1.78 -13.04
N GLU A 134 -9.15 1.19 -11.85
CA GLU A 134 -8.13 1.33 -10.80
C GLU A 134 -8.12 0.05 -9.99
N GLY A 135 -7.05 -0.15 -9.21
CA GLY A 135 -6.98 -1.20 -8.18
C GLY A 135 -7.15 -2.60 -8.73
N ILE A 136 -7.67 -3.49 -7.88
CA ILE A 136 -7.97 -4.90 -8.22
C ILE A 136 -8.98 -4.99 -9.38
N GLU A 137 -9.97 -4.08 -9.40
CA GLU A 137 -10.97 -4.04 -10.50
C GLU A 137 -10.22 -4.05 -11.85
N LEU A 138 -9.18 -3.25 -11.98
CA LEU A 138 -8.35 -3.24 -13.23
C LEU A 138 -7.39 -4.43 -13.27
N ALA A 139 -6.65 -4.70 -12.20
CA ALA A 139 -5.59 -5.75 -12.17
C ALA A 139 -6.18 -7.11 -12.53
N PHE A 140 -7.40 -7.42 -12.10
CA PHE A 140 -8.08 -8.71 -12.38
C PHE A 140 -9.29 -8.51 -13.30
N ASP A 141 -9.29 -7.45 -14.09
CA ASP A 141 -10.43 -7.13 -14.98
C ASP A 141 -10.91 -8.37 -15.74
N GLU A 142 -10.04 -9.12 -16.42
CA GLU A 142 -10.49 -10.23 -17.29
C GLU A 142 -11.17 -11.30 -16.44
N TRP A 143 -10.55 -11.67 -15.32
CA TRP A 143 -11.11 -12.66 -14.37
C TRP A 143 -12.50 -12.23 -13.94
N LEU A 144 -12.63 -10.97 -13.54
CA LEU A 144 -13.92 -10.46 -12.99
C LEU A 144 -14.97 -10.25 -14.12
N ALA A 145 -14.56 -9.89 -15.34
CA ALA A 145 -15.48 -9.33 -16.39
C ALA A 145 -16.42 -10.40 -16.96
N GLY A 146 -15.98 -11.65 -17.05
CA GLY A 146 -16.78 -12.69 -17.74
C GLY A 146 -16.84 -12.38 -19.22
N VAL A 147 -17.90 -12.84 -19.92
CA VAL A 147 -18.03 -12.69 -21.40
C VAL A 147 -19.41 -12.17 -21.78
N PRO A 148 -19.50 -11.00 -22.46
CA PRO A 148 -20.79 -10.44 -22.87
C PRO A 148 -21.54 -11.40 -23.81
N GLY A 149 -22.88 -11.39 -23.81
CA GLY A 149 -23.70 -12.18 -24.75
C GLY A 149 -24.03 -11.41 -26.03
N ASN A 170 -24.81 -16.06 -25.64
CA ASN A 170 -24.89 -16.35 -24.18
C ASN A 170 -23.85 -15.53 -23.40
N ALA A 171 -24.28 -14.81 -22.36
CA ALA A 171 -23.40 -14.12 -21.38
C ALA A 171 -22.83 -15.17 -20.42
N LYS A 172 -21.51 -15.18 -20.19
CA LYS A 172 -20.87 -15.98 -19.11
C LYS A 172 -20.56 -15.03 -17.96
N PRO A 173 -21.02 -15.31 -16.72
CA PRO A 173 -20.78 -14.38 -15.60
C PRO A 173 -19.29 -14.41 -15.23
N GLY A 174 -18.74 -13.28 -14.75
CA GLY A 174 -17.33 -13.18 -14.30
C GLY A 174 -17.12 -14.02 -13.04
N LYS A 175 -15.87 -14.15 -12.57
CA LYS A 175 -15.53 -15.12 -11.49
C LYS A 175 -15.25 -14.36 -10.19
N THR A 176 -15.65 -14.98 -9.08
CA THR A 176 -15.43 -14.49 -7.71
C THR A 176 -13.94 -14.41 -7.42
N LEU A 177 -13.55 -13.38 -6.68
CA LEU A 177 -12.13 -13.19 -6.30
C LEU A 177 -12.06 -12.86 -4.81
N ALA A 178 -11.30 -13.64 -4.04
CA ALA A 178 -11.07 -13.35 -2.60
C ALA A 178 -9.71 -12.70 -2.44
N LEU A 179 -9.70 -11.47 -1.92
CA LEU A 179 -8.43 -10.72 -1.71
C LEU A 179 -7.73 -11.29 -0.48
N SER A 180 -6.48 -10.92 -0.32
CA SER A 180 -5.67 -11.19 0.88
C SER A 180 -6.15 -10.29 2.02
N ILE A 181 -6.74 -9.15 1.71
CA ILE A 181 -7.15 -8.09 2.68
C ILE A 181 -8.11 -8.73 3.70
N ASP A 182 -7.87 -8.48 4.98
CA ASP A 182 -8.81 -8.80 6.07
C ASP A 182 -9.53 -7.50 6.40
N LEU A 183 -10.81 -7.39 6.05
CA LEU A 183 -11.54 -6.12 6.18
C LEU A 183 -11.48 -5.60 7.63
N ARG A 184 -11.42 -6.49 8.61
CA ARG A 184 -11.34 -6.04 10.01
C ARG A 184 -10.05 -5.28 10.26
N LEU A 185 -8.92 -5.79 9.75
CA LEU A 185 -7.61 -5.09 9.89
C LEU A 185 -7.65 -3.79 9.07
N GLN A 186 -8.19 -3.85 7.86
CA GLN A 186 -8.30 -2.68 6.94
C GLN A 186 -9.05 -1.54 7.67
N TYR A 187 -10.19 -1.82 8.31
CA TYR A 187 -10.98 -0.80 9.03
C TYR A 187 -10.08 -0.18 10.13
N LEU A 188 -9.36 -1.03 10.86
CA LEU A 188 -8.53 -0.59 12.01
C LEU A 188 -7.40 0.30 11.47
N ALA A 189 -6.74 -0.15 10.42
CA ALA A 189 -5.64 0.61 9.79
C ALA A 189 -6.19 1.97 9.31
N HIS A 190 -7.31 1.95 8.60
CA HIS A 190 -7.87 3.18 7.99
C HIS A 190 -8.17 4.18 9.10
N ARG A 191 -8.88 3.73 10.15
CA ARG A 191 -9.28 4.60 11.29
C ARG A 191 -8.06 5.18 12.00
N GLU A 192 -7.09 4.36 12.38
CA GLU A 192 -5.93 4.83 13.17
C GLU A 192 -5.03 5.73 12.33
N LEU A 193 -4.83 5.44 11.04
CA LEU A 193 -3.99 6.33 10.20
C LEU A 193 -4.72 7.68 10.06
N ARG A 194 -6.03 7.65 9.80
CA ARG A 194 -6.84 8.90 9.65
C ARG A 194 -6.74 9.70 10.95
N ASN A 195 -6.94 9.07 12.10
CA ASN A 195 -6.91 9.79 13.40
C ASN A 195 -5.55 10.44 13.62
N ALA A 196 -4.46 9.69 13.49
CA ALA A 196 -3.08 10.20 13.68
C ALA A 196 -2.82 11.40 12.76
N LEU A 197 -3.33 11.39 11.54
CA LEU A 197 -2.99 12.45 10.55
C LEU A 197 -3.71 13.74 10.99
N LEU A 198 -4.97 13.60 11.41
CA LEU A 198 -5.84 14.73 11.81
C LEU A 198 -5.27 15.35 13.08
N GLU A 199 -4.84 14.51 14.03
CA GLU A 199 -4.28 14.96 15.33
C GLU A 199 -2.96 15.70 15.16
N ASN A 200 -2.17 15.42 14.13
CA ASN A 200 -0.78 15.94 14.03
C ASN A 200 -0.65 16.94 12.88
N GLY A 201 -1.77 17.36 12.29
CA GLY A 201 -1.83 18.32 11.17
C GLY A 201 -1.35 17.78 9.84
N ALA A 202 -1.13 16.46 9.72
CA ALA A 202 -0.59 15.89 8.46
C ALA A 202 -1.74 15.63 7.47
N LYS A 203 -1.42 15.70 6.19
CA LYS A 203 -2.40 15.67 5.08
C LYS A 203 -2.49 14.24 4.50
N ALA A 204 -1.41 13.46 4.57
CA ALA A 204 -1.31 12.27 3.70
C ALA A 204 -0.38 11.23 4.32
N GLY A 205 -0.54 9.98 3.91
CA GLY A 205 0.21 8.88 4.51
C GLY A 205 -0.32 7.55 4.02
N SER A 206 0.32 6.49 4.47
CA SER A 206 -0.07 5.12 4.05
CA SER A 206 0.00 5.10 4.02
C SER A 206 0.24 4.14 5.18
N LEU A 207 -0.39 2.98 5.11
CA LEU A 207 -0.06 1.93 6.07
C LEU A 207 -0.28 0.60 5.33
N VAL A 208 0.72 -0.27 5.40
CA VAL A 208 0.71 -1.63 4.82
C VAL A 208 0.91 -2.64 5.95
N ILE A 209 0.07 -3.68 5.93
CA ILE A 209 0.19 -4.84 6.85
C ILE A 209 0.35 -6.09 6.01
N MET A 210 1.38 -6.87 6.32
CA MET A 210 1.62 -8.15 5.62
CA MET A 210 1.83 -8.12 5.64
C MET A 210 1.75 -9.32 6.60
N ASP A 211 1.28 -10.46 6.13
CA ASP A 211 1.51 -11.76 6.75
C ASP A 211 2.90 -12.19 6.32
N VAL A 212 3.81 -12.32 7.26
CA VAL A 212 5.25 -12.58 6.92
C VAL A 212 5.46 -14.00 6.40
N LYS A 213 4.60 -14.93 6.78
CA LYS A 213 4.63 -16.36 6.39
C LYS A 213 4.12 -16.53 4.96
N THR A 214 3.07 -15.79 4.57
CA THR A 214 2.29 -16.09 3.34
C THR A 214 2.50 -15.06 2.22
N GLY A 215 3.08 -13.89 2.49
CA GLY A 215 3.25 -12.80 1.52
C GLY A 215 1.97 -12.04 1.27
N GLU A 216 0.92 -12.38 2.00
CA GLU A 216 -0.40 -11.74 1.87
C GLU A 216 -0.40 -10.30 2.39
N ILE A 217 -0.98 -9.39 1.61
CA ILE A 217 -1.24 -8.00 2.06
C ILE A 217 -2.57 -8.04 2.82
N LEU A 218 -2.50 -7.93 4.13
CA LEU A 218 -3.71 -8.04 4.99
C LEU A 218 -4.44 -6.69 5.08
N ALA A 219 -3.72 -5.60 4.89
CA ALA A 219 -4.28 -4.23 4.80
C ALA A 219 -3.34 -3.34 4.00
N MET A 220 -3.95 -2.44 3.25
CA MET A 220 -3.23 -1.35 2.57
C MET A 220 -4.18 -0.15 2.52
N THR A 221 -3.88 0.87 3.32
CA THR A 221 -4.72 2.07 3.41
C THR A 221 -3.86 3.30 3.09
N ASN A 222 -4.46 4.24 2.35
CA ASN A 222 -3.81 5.53 2.03
C ASN A 222 -4.76 6.65 2.46
N GLN A 223 -4.19 7.78 2.84
CA GLN A 223 -4.90 9.05 3.14
C GLN A 223 -4.22 10.13 2.33
N PRO A 224 -5.00 11.03 1.65
CA PRO A 224 -6.46 10.96 1.68
C PRO A 224 -7.02 9.82 0.84
N THR A 225 -8.32 9.55 1.06
CA THR A 225 -9.06 8.50 0.34
C THR A 225 -10.34 9.10 -0.26
N TYR A 226 -11.09 8.32 -1.00
CA TYR A 226 -12.31 8.80 -1.70
C TYR A 226 -13.37 7.72 -1.58
N ASN A 227 -14.65 8.09 -1.68
CA ASN A 227 -15.76 7.12 -1.68
C ASN A 227 -16.01 6.68 -3.11
N PRO A 228 -15.66 5.43 -3.49
CA PRO A 228 -15.83 4.97 -4.86
C PRO A 228 -17.30 4.89 -5.29
N ASN A 229 -18.23 4.95 -4.35
CA ASN A 229 -19.68 4.90 -4.67
C ASN A 229 -20.18 6.30 -5.04
N ASN A 230 -19.39 7.34 -4.77
CA ASN A 230 -19.76 8.74 -5.04
C ASN A 230 -18.53 9.52 -5.49
N ARG A 231 -18.19 9.45 -6.77
CA ARG A 231 -16.96 10.05 -7.34
C ARG A 231 -17.23 11.44 -7.93
N ARG A 232 -18.32 12.11 -7.55
CA ARG A 232 -18.71 13.45 -8.08
C ARG A 232 -17.63 14.48 -7.75
N ASN A 233 -17.33 14.70 -6.46
CA ASN A 233 -16.42 15.77 -5.98
C ASN A 233 -14.96 15.29 -6.07
N LEU A 234 -14.75 14.02 -6.40
CA LEU A 234 -13.46 13.28 -6.31
C LEU A 234 -12.28 14.13 -6.83
N GLN A 235 -11.34 14.45 -5.93
CA GLN A 235 -10.06 15.16 -6.21
C GLN A 235 -9.01 14.14 -6.65
N PRO A 236 -8.22 14.42 -7.70
CA PRO A 236 -7.13 13.52 -8.11
C PRO A 236 -6.14 13.18 -6.99
N ALA A 237 -5.98 14.08 -6.01
CA ALA A 237 -5.09 13.92 -4.84
C ALA A 237 -5.54 12.73 -3.97
N ALA A 238 -6.86 12.56 -3.81
CA ALA A 238 -7.51 11.52 -2.98
C ALA A 238 -7.36 10.15 -3.66
N MET A 239 -7.11 10.13 -4.97
CA MET A 239 -7.13 8.88 -5.77
C MET A 239 -5.74 8.23 -5.87
N ARG A 240 -4.72 8.87 -5.31
CA ARG A 240 -3.32 8.40 -5.36
C ARG A 240 -3.19 7.17 -4.45
N ASN A 241 -2.77 6.07 -5.03
CA ASN A 241 -2.46 4.83 -4.27
C ASN A 241 -1.03 4.94 -3.73
N ARG A 242 -0.87 5.76 -2.69
CA ARG A 242 0.46 6.20 -2.18
C ARG A 242 1.33 4.98 -1.88
N ALA A 243 0.79 3.95 -1.21
CA ALA A 243 1.56 2.76 -0.76
C ALA A 243 2.33 2.12 -1.92
N MET A 244 1.80 2.18 -3.14
CA MET A 244 2.40 1.52 -4.32
C MET A 244 3.07 2.53 -5.27
N ILE A 245 2.78 3.81 -5.11
CA ILE A 245 3.18 4.83 -6.13
C ILE A 245 4.23 5.78 -5.56
N ASP A 246 4.13 6.15 -4.29
CA ASP A 246 5.03 7.16 -3.65
CA ASP A 246 5.03 7.18 -3.68
C ASP A 246 6.42 6.54 -3.50
N VAL A 247 7.42 7.14 -4.14
CA VAL A 247 8.82 6.63 -4.11
C VAL A 247 9.62 7.56 -3.21
N PHE A 248 10.43 6.99 -2.29
CA PHE A 248 11.20 7.77 -1.31
C PHE A 248 12.48 7.00 -0.96
N GLU A 249 13.49 7.77 -0.59
CA GLU A 249 14.75 7.26 0.01
C GLU A 249 14.38 6.83 1.42
N PRO A 250 14.52 5.52 1.75
CA PRO A 250 13.96 5.00 2.99
C PRO A 250 14.78 5.31 4.25
N GLY A 251 15.98 5.84 4.06
CA GLY A 251 16.81 6.32 5.18
C GLY A 251 17.04 5.21 6.19
N SER A 252 16.88 5.52 7.46
CA SER A 252 17.37 4.66 8.55
C SER A 252 16.66 3.30 8.54
N THR A 253 15.49 3.20 7.92
CA THR A 253 14.69 1.94 7.92
C THR A 253 15.42 0.84 7.15
N VAL A 254 16.46 1.14 6.37
CA VAL A 254 17.21 0.03 5.71
C VAL A 254 18.52 -0.26 6.45
N LYS A 255 18.86 0.46 7.52
CA LYS A 255 20.04 0.09 8.33
C LYS A 255 19.99 -1.38 8.74
N PRO A 256 18.84 -2.01 9.03
CA PRO A 256 18.85 -3.42 9.39
C PRO A 256 19.36 -4.36 8.28
N PHE A 257 19.21 -3.95 7.02
CA PHE A 257 19.64 -4.77 5.86
C PHE A 257 21.16 -4.61 5.71
N SER A 258 21.68 -3.40 5.94
CA SER A 258 23.15 -3.17 6.05
C SER A 258 23.71 -4.09 7.16
N MET A 259 23.06 -4.14 8.34
CA MET A 259 23.54 -4.95 9.48
C MET A 259 23.45 -6.44 9.10
N SER A 260 22.42 -6.83 8.38
CA SER A 260 22.28 -8.26 7.95
C SER A 260 23.50 -8.64 7.11
N ALA A 261 23.88 -7.78 6.18
CA ALA A 261 25.04 -8.02 5.31
C ALA A 261 26.31 -8.13 6.17
N ALA A 262 26.41 -7.30 7.20
CA ALA A 262 27.57 -7.31 8.12
C ALA A 262 27.66 -8.66 8.82
N LEU A 263 26.55 -9.13 9.39
CA LEU A 263 26.56 -10.38 10.18
C LEU A 263 26.74 -11.59 9.26
N ALA A 264 26.45 -11.49 7.96
CA ALA A 264 26.67 -12.59 6.99
C ALA A 264 28.10 -12.57 6.45
N SER A 265 28.87 -11.51 6.66
CA SER A 265 30.19 -11.27 6.04
C SER A 265 31.27 -12.20 6.64
N GLY A 266 31.09 -12.71 7.86
CA GLY A 266 32.16 -13.40 8.61
C GLY A 266 33.01 -12.44 9.44
N ARG A 267 32.89 -11.11 9.23
CA ARG A 267 33.81 -10.10 9.84
C ARG A 267 33.20 -9.41 11.06
N TRP A 268 31.93 -9.66 11.40
CA TRP A 268 31.25 -8.89 12.47
C TRP A 268 30.44 -9.82 13.34
N LYS A 269 30.46 -9.61 14.64
CA LYS A 269 29.52 -10.23 15.59
C LYS A 269 28.82 -9.14 16.38
N PRO A 270 27.66 -9.43 17.00
CA PRO A 270 26.90 -8.44 17.74
C PRO A 270 27.63 -7.70 18.87
N SER A 271 28.57 -8.38 19.53
CA SER A 271 29.34 -7.77 20.65
C SER A 271 30.48 -6.90 20.11
N ASP A 272 30.74 -6.91 18.81
CA ASP A 272 31.76 -6.01 18.22
C ASP A 272 31.38 -4.55 18.49
N ILE A 273 32.42 -3.73 18.57
CA ILE A 273 32.30 -2.31 18.98
C ILE A 273 32.76 -1.47 17.81
N VAL A 274 32.08 -0.35 17.56
CA VAL A 274 32.57 0.68 16.62
C VAL A 274 32.64 2.00 17.39
N ASP A 275 33.71 2.72 17.17
CA ASP A 275 33.88 4.07 17.78
C ASP A 275 33.28 5.10 16.84
N VAL A 276 32.24 5.76 17.27
CA VAL A 276 31.52 6.72 16.39
C VAL A 276 31.79 8.15 16.87
N TYR A 277 32.64 8.34 17.87
CA TYR A 277 32.97 9.71 18.37
C TYR A 277 33.61 10.47 17.21
N PRO A 278 33.37 11.78 17.00
CA PRO A 278 32.44 12.59 17.78
C PRO A 278 31.04 12.75 17.16
N GLY A 279 30.56 11.72 16.44
CA GLY A 279 29.20 11.82 15.85
C GLY A 279 29.26 12.29 14.42
N THR A 280 30.46 12.44 13.88
CA THR A 280 30.69 12.89 12.49
C THR A 280 31.83 12.09 11.93
N LEU A 281 31.86 11.93 10.62
CA LEU A 281 32.99 11.25 9.98
C LEU A 281 33.24 11.95 8.65
N GLN A 282 34.45 12.44 8.45
CA GLN A 282 34.83 13.11 7.19
C GLN A 282 35.37 12.05 6.23
N ILE A 283 34.83 12.01 5.02
CA ILE A 283 35.39 11.19 3.92
C ILE A 283 35.62 12.14 2.74
N GLY A 284 36.88 12.52 2.52
CA GLY A 284 37.26 13.60 1.60
C GLY A 284 36.45 14.86 1.89
N ARG A 285 35.63 15.27 0.92
CA ARG A 285 34.90 16.56 0.94
C ARG A 285 33.58 16.39 1.71
N TYR A 286 33.11 15.15 1.86
CA TYR A 286 31.80 14.81 2.47
C TYR A 286 31.96 14.56 3.98
N THR A 287 30.98 15.00 4.77
CA THR A 287 30.87 14.70 6.23
C THR A 287 29.59 13.88 6.49
N ILE A 288 29.75 12.68 7.02
CA ILE A 288 28.63 11.85 7.58
C ILE A 288 28.31 12.40 8.96
N ARG A 289 27.05 12.69 9.25
CA ARG A 289 26.61 13.26 10.54
C ARG A 289 25.56 12.38 11.17
N ASP A 290 25.72 12.07 12.44
CA ASP A 290 24.75 11.30 13.23
C ASP A 290 23.61 12.20 13.74
N VAL A 291 22.43 11.61 13.90
CA VAL A 291 21.22 12.27 14.44
C VAL A 291 21.46 12.56 15.93
N SER A 292 22.15 11.67 16.64
CA SER A 292 22.53 11.90 18.05
CA SER A 292 22.52 11.82 18.07
C SER A 292 24.04 11.71 18.17
N ARG A 293 24.73 12.68 18.78
CA ARG A 293 26.21 12.73 18.76
C ARG A 293 26.74 12.74 20.19
N ASN A 294 26.25 11.79 21.00
CA ASN A 294 26.52 11.65 22.45
C ASN A 294 27.24 10.31 22.69
N SER A 295 27.91 9.75 21.68
CA SER A 295 28.44 8.36 21.76
CA SER A 295 28.43 8.36 21.78
C SER A 295 29.91 8.31 21.38
N ARG A 296 30.62 7.32 21.95
CA ARG A 296 31.92 6.90 21.47
C ARG A 296 31.77 5.44 21.05
N GLN A 297 32.02 4.49 21.96
CA GLN A 297 31.89 3.03 21.65
C GLN A 297 30.43 2.61 21.68
N LEU A 298 29.99 1.97 20.59
CA LEU A 298 28.66 1.33 20.46
C LEU A 298 28.85 -0.11 20.01
N ASP A 299 28.09 -1.03 20.57
CA ASP A 299 28.06 -2.38 19.99
C ASP A 299 27.09 -2.36 18.81
N LEU A 300 26.94 -3.45 18.09
CA LEU A 300 26.14 -3.39 16.83
C LEU A 300 24.69 -3.14 17.17
N THR A 301 24.18 -3.63 18.29
CA THR A 301 22.81 -3.30 18.68
C THR A 301 22.70 -1.79 18.90
N GLY A 302 23.68 -1.23 19.59
CA GLY A 302 23.69 0.21 19.93
C GLY A 302 23.70 1.07 18.68
N ILE A 303 24.39 0.60 17.64
CA ILE A 303 24.43 1.30 16.34
C ILE A 303 23.00 1.40 15.81
N LEU A 304 22.18 0.35 15.95
CA LEU A 304 20.74 0.42 15.52
C LEU A 304 19.89 1.23 16.50
N ILE A 305 20.06 1.10 17.80
CA ILE A 305 19.28 1.90 18.78
C ILE A 305 19.55 3.40 18.58
N LYS A 306 20.82 3.79 18.49
CA LYS A 306 21.21 5.22 18.29
C LYS A 306 20.97 5.59 16.83
N SER A 307 20.79 4.58 15.93
CA SER A 307 20.67 4.78 14.46
C SER A 307 21.86 5.62 13.96
N SER A 308 23.07 5.27 14.38
CA SER A 308 24.31 5.97 13.99
C SER A 308 24.66 5.74 12.52
N ASN A 309 24.63 6.79 11.70
CA ASN A 309 25.15 6.78 10.30
C ASN A 309 26.66 6.54 10.27
N VAL A 310 27.41 7.16 11.19
CA VAL A 310 28.88 6.90 11.30
C VAL A 310 29.12 5.40 11.54
N GLY A 311 28.46 4.79 12.54
CA GLY A 311 28.67 3.36 12.87
C GLY A 311 28.32 2.45 11.69
N ILE A 312 27.15 2.65 11.06
CA ILE A 312 26.78 1.75 9.92
C ILE A 312 27.72 2.01 8.73
N SER A 313 28.19 3.23 8.56
CA SER A 313 29.12 3.60 7.45
C SER A 313 30.45 2.90 7.65
N LYS A 314 30.98 2.88 8.87
CA LYS A 314 32.28 2.25 9.15
C LYS A 314 32.19 0.74 8.92
N ILE A 315 31.09 0.11 9.32
CA ILE A 315 30.82 -1.32 9.01
C ILE A 315 30.79 -1.48 7.48
N ALA A 316 30.05 -0.60 6.77
CA ALA A 316 29.88 -0.70 5.30
C ALA A 316 31.26 -0.65 4.61
N PHE A 317 32.14 0.26 5.03
CA PHE A 317 33.51 0.38 4.46
C PHE A 317 34.25 -0.95 4.61
N ASP A 318 34.11 -1.58 5.78
CA ASP A 318 34.80 -2.85 6.10
C ASP A 318 34.25 -3.98 5.21
N ILE A 319 32.93 -4.12 5.05
CA ILE A 319 32.35 -5.32 4.37
C ILE A 319 32.18 -5.05 2.87
N GLY A 320 32.20 -3.80 2.39
CA GLY A 320 31.96 -3.46 0.98
C GLY A 320 30.46 -3.25 0.68
N ALA A 321 30.17 -2.23 -0.11
CA ALA A 321 28.81 -1.86 -0.58
C ALA A 321 28.14 -3.05 -1.30
N GLU A 322 28.87 -3.88 -2.05
CA GLU A 322 28.23 -4.96 -2.85
C GLU A 322 27.48 -5.95 -1.95
N SER A 323 28.01 -6.27 -0.78
CA SER A 323 27.33 -7.19 0.16
C SER A 323 25.99 -6.55 0.58
N ILE A 324 25.94 -5.24 0.73
CA ILE A 324 24.72 -4.51 1.22
C ILE A 324 23.71 -4.45 0.07
N TYR A 325 24.18 -3.99 -1.08
CA TYR A 325 23.40 -3.97 -2.34
C TYR A 325 22.73 -5.33 -2.56
N SER A 326 23.45 -6.42 -2.34
CA SER A 326 22.95 -7.78 -2.65
C SER A 326 21.80 -8.12 -1.68
N VAL A 327 21.95 -7.80 -0.39
CA VAL A 327 20.85 -8.07 0.59
C VAL A 327 19.65 -7.23 0.16
N MET A 328 19.83 -5.94 -0.10
CA MET A 328 18.71 -5.03 -0.42
C MET A 328 18.02 -5.52 -1.70
N GLN A 329 18.79 -6.01 -2.66
CA GLN A 329 18.18 -6.50 -3.94
C GLN A 329 17.36 -7.77 -3.66
N GLN A 330 17.91 -8.66 -2.86
CA GLN A 330 17.32 -9.99 -2.59
C GLN A 330 16.04 -9.82 -1.76
N VAL A 331 15.89 -8.75 -0.97
CA VAL A 331 14.64 -8.59 -0.17
C VAL A 331 13.66 -7.72 -0.97
N GLY A 332 13.99 -7.36 -2.22
CA GLY A 332 13.05 -6.77 -3.20
C GLY A 332 13.06 -5.25 -3.26
N LEU A 333 13.98 -4.55 -2.57
CA LEU A 333 14.02 -3.06 -2.52
C LEU A 333 14.41 -2.55 -3.92
N GLY A 334 13.59 -1.68 -4.48
CA GLY A 334 13.82 -1.13 -5.84
C GLY A 334 13.59 -2.17 -6.92
N GLN A 335 12.78 -3.20 -6.65
CA GLN A 335 12.50 -4.30 -7.61
C GLN A 335 10.99 -4.36 -7.89
N ASP A 336 10.58 -4.81 -9.07
CA ASP A 336 9.17 -5.01 -9.46
C ASP A 336 8.42 -5.87 -8.43
N THR A 337 7.23 -5.47 -7.95
CA THR A 337 6.47 -6.20 -6.91
C THR A 337 5.69 -7.37 -7.53
N GLY A 338 5.40 -7.26 -8.83
CA GLY A 338 4.61 -8.23 -9.59
C GLY A 338 3.14 -8.17 -9.24
N LEU A 339 2.64 -7.09 -8.62
CA LEU A 339 1.19 -7.08 -8.23
C LEU A 339 0.24 -6.58 -9.35
N GLY A 340 0.70 -5.86 -10.37
CA GLY A 340 -0.17 -5.52 -11.52
C GLY A 340 -1.07 -4.34 -11.22
N PHE A 341 -0.85 -3.61 -10.14
CA PHE A 341 -1.58 -2.35 -9.89
C PHE A 341 -1.11 -1.34 -10.94
N PRO A 342 -2.06 -0.56 -11.50
CA PRO A 342 -1.71 0.35 -12.59
C PRO A 342 -0.77 1.40 -12.00
N GLY A 343 0.28 1.75 -12.72
CA GLY A 343 1.21 2.76 -12.18
C GLY A 343 1.82 2.45 -10.81
N GLU A 344 1.84 1.20 -10.33
CA GLU A 344 2.78 0.83 -9.24
CA GLU A 344 2.79 0.79 -9.25
C GLU A 344 4.20 1.17 -9.72
N ARG A 345 5.02 1.75 -8.85
CA ARG A 345 6.40 2.21 -9.17
C ARG A 345 7.41 1.17 -8.69
N VAL A 346 8.58 1.10 -9.33
CA VAL A 346 9.69 0.14 -9.00
C VAL A 346 10.72 0.82 -8.09
N GLY A 347 10.83 2.16 -8.11
CA GLY A 347 11.90 2.92 -7.47
C GLY A 347 13.24 2.50 -8.08
N ASN A 348 14.33 2.50 -7.31
CA ASN A 348 15.68 2.39 -7.92
C ASN A 348 16.68 1.90 -6.87
N LEU A 349 17.38 0.82 -7.15
CA LEU A 349 18.57 0.37 -6.36
C LEU A 349 19.77 0.41 -7.29
N PRO A 350 20.45 1.57 -7.36
CA PRO A 350 21.57 1.79 -8.27
C PRO A 350 22.69 0.79 -7.99
N ASN A 351 23.32 0.31 -9.05
CA ASN A 351 24.53 -0.51 -8.92
C ASN A 351 25.72 0.25 -9.48
N HIS A 352 26.90 -0.18 -9.05
CA HIS A 352 28.20 0.39 -9.42
C HIS A 352 29.15 -0.79 -9.65
N ARG A 353 30.12 -0.60 -10.53
CA ARG A 353 31.25 -1.57 -10.58
CA ARG A 353 31.29 -1.51 -10.64
C ARG A 353 32.18 -1.24 -9.42
N LYS A 354 32.42 0.04 -9.19
CA LYS A 354 33.27 0.57 -8.11
C LYS A 354 32.40 1.47 -7.23
N TRP A 355 32.34 1.18 -5.93
CA TRP A 355 31.63 2.00 -4.92
C TRP A 355 32.62 2.87 -4.17
N PRO A 356 32.68 4.19 -4.42
CA PRO A 356 33.50 5.05 -3.59
C PRO A 356 32.89 5.13 -2.19
N LYS A 357 33.66 5.64 -1.24
CA LYS A 357 33.26 5.71 0.18
C LYS A 357 31.91 6.42 0.35
N ALA A 358 31.72 7.60 -0.24
CA ALA A 358 30.48 8.39 -0.07
C ALA A 358 29.28 7.54 -0.50
N GLU A 359 29.33 6.91 -1.68
CA GLU A 359 28.19 6.08 -2.19
C GLU A 359 27.95 4.88 -1.27
N THR A 360 29.01 4.25 -0.79
CA THR A 360 28.91 3.08 0.13
C THR A 360 28.15 3.51 1.38
N ALA A 361 28.53 4.64 1.97
CA ALA A 361 27.91 5.16 3.20
C ALA A 361 26.46 5.53 2.93
N THR A 362 26.18 6.29 1.87
CA THR A 362 24.81 6.74 1.56
C THR A 362 23.91 5.52 1.27
N LEU A 363 24.42 4.44 0.67
CA LEU A 363 23.60 3.20 0.54
C LEU A 363 23.29 2.63 1.93
N ALA A 364 24.32 2.51 2.75
CA ALA A 364 24.27 1.82 4.06
C ALA A 364 23.25 2.49 4.99
N TYR A 365 23.10 3.80 4.94
CA TYR A 365 22.10 4.48 5.80
C TYR A 365 20.88 4.99 5.01
N GLY A 366 20.67 4.52 3.78
CA GLY A 366 19.32 4.55 3.20
C GLY A 366 19.06 5.68 2.24
N TYR A 367 20.06 6.43 1.78
CA TYR A 367 19.82 7.53 0.81
C TYR A 367 20.33 7.13 -0.60
N GLY A 368 20.93 5.97 -0.76
CA GLY A 368 21.45 5.44 -2.03
C GLY A 368 20.45 4.61 -2.82
N LEU A 369 19.17 4.66 -2.45
CA LEU A 369 18.12 3.88 -3.12
C LEU A 369 16.78 4.58 -2.92
N SER A 370 15.80 4.25 -3.75
CA SER A 370 14.43 4.72 -3.51
C SER A 370 13.48 3.54 -3.66
N VAL A 371 12.45 3.57 -2.81
CA VAL A 371 11.54 2.41 -2.66
C VAL A 371 10.12 2.93 -2.53
N THR A 372 9.19 1.99 -2.49
CA THR A 372 7.79 2.27 -2.09
C THR A 372 7.52 1.63 -0.73
N ALA A 373 6.42 2.03 -0.09
CA ALA A 373 6.06 1.48 1.24
C ALA A 373 5.82 -0.02 1.13
N ILE A 374 5.19 -0.48 0.04
CA ILE A 374 4.92 -1.93 -0.22
CA ILE A 374 4.92 -1.92 -0.17
C ILE A 374 6.24 -2.70 -0.28
N GLN A 375 7.24 -2.19 -1.00
CA GLN A 375 8.58 -2.85 -1.04
C GLN A 375 9.21 -2.90 0.37
N LEU A 376 9.15 -1.80 1.11
CA LEU A 376 9.76 -1.73 2.46
C LEU A 376 9.07 -2.78 3.35
N ALA A 377 7.74 -2.89 3.26
CA ALA A 377 6.99 -3.88 4.10
C ALA A 377 7.36 -5.29 3.69
N HIS A 378 7.58 -5.51 2.39
CA HIS A 378 7.95 -6.84 1.87
C HIS A 378 9.33 -7.24 2.39
N ALA A 379 10.25 -6.30 2.41
CA ALA A 379 11.61 -6.47 2.93
C ALA A 379 11.57 -6.81 4.43
N TYR A 380 10.79 -6.06 5.21
CA TYR A 380 10.61 -6.37 6.65
C TYR A 380 9.97 -7.74 6.80
N ALA A 381 9.03 -8.12 5.94
CA ALA A 381 8.39 -9.47 6.00
C ALA A 381 9.47 -10.55 5.88
N ALA A 382 10.43 -10.41 4.99
CA ALA A 382 11.49 -11.40 4.77
C ALA A 382 12.32 -11.54 6.06
N LEU A 383 12.72 -10.43 6.62
CA LEU A 383 13.50 -10.39 7.86
C LEU A 383 12.71 -11.06 8.99
N ALA A 384 11.42 -10.75 9.11
CA ALA A 384 10.53 -11.31 10.15
C ALA A 384 10.32 -12.81 9.93
N ASN A 385 10.23 -13.24 8.69
CA ASN A 385 10.00 -14.68 8.34
C ASN A 385 11.32 -15.46 8.43
N ASP A 386 12.17 -15.19 9.44
CA ASP A 386 13.49 -15.81 9.66
C ASP A 386 14.31 -15.79 8.38
N GLY A 387 14.26 -14.69 7.62
CA GLY A 387 15.11 -14.46 6.43
C GLY A 387 14.60 -15.04 5.14
N LYS A 388 13.37 -15.57 5.10
CA LYS A 388 12.80 -16.16 3.89
C LYS A 388 11.84 -15.17 3.23
N SER A 389 12.16 -14.78 2.01
CA SER A 389 11.27 -13.95 1.17
CA SER A 389 11.26 -13.94 1.19
C SER A 389 10.15 -14.82 0.58
N VAL A 390 8.91 -14.31 0.61
CA VAL A 390 7.69 -14.92 0.00
C VAL A 390 7.12 -13.86 -0.94
N PRO A 391 6.70 -14.21 -2.19
CA PRO A 391 6.18 -13.21 -3.11
C PRO A 391 4.95 -12.48 -2.55
N LEU A 392 4.84 -11.19 -2.85
CA LEU A 392 3.65 -10.37 -2.47
C LEU A 392 2.40 -10.97 -3.09
N SER A 393 1.30 -10.96 -2.35
CA SER A 393 -0.01 -11.33 -2.94
C SER A 393 -1.10 -10.38 -2.44
N MET A 394 -1.96 -9.92 -3.34
CA MET A 394 -3.20 -9.19 -2.96
C MET A 394 -4.41 -10.12 -3.05
N THR A 395 -4.22 -11.40 -3.35
CA THR A 395 -5.29 -12.42 -3.31
C THR A 395 -5.01 -13.45 -2.23
N ARG A 396 -6.07 -14.03 -1.68
CA ARG A 396 -5.96 -15.00 -0.56
C ARG A 396 -5.02 -16.13 -0.98
N VAL A 397 -4.05 -16.48 -0.14
CA VAL A 397 -3.03 -17.52 -0.39
C VAL A 397 -3.46 -18.75 0.41
N ASP A 398 -3.76 -19.85 -0.29
CA ASP A 398 -4.13 -21.15 0.32
C ASP A 398 -2.90 -22.04 0.40
N ARG A 399 -2.17 -22.12 -0.70
CA ARG A 399 -0.90 -22.87 -0.79
C ARG A 399 0.22 -21.85 -0.80
N VAL A 400 1.00 -21.79 0.25
CA VAL A 400 2.10 -20.78 0.35
C VAL A 400 3.23 -21.14 -0.60
N PRO A 401 3.73 -20.18 -1.40
CA PRO A 401 4.89 -20.44 -2.26
C PRO A 401 6.13 -20.85 -1.43
N ASP A 402 7.11 -21.48 -2.08
CA ASP A 402 8.34 -21.96 -1.42
C ASP A 402 9.14 -20.76 -0.91
N GLY A 403 9.18 -19.68 -1.67
CA GLY A 403 9.93 -18.49 -1.21
C GLY A 403 11.42 -18.78 -1.24
N VAL A 404 12.24 -17.82 -0.88
CA VAL A 404 13.70 -17.92 -1.08
C VAL A 404 14.36 -17.56 0.24
N GLN A 405 15.31 -18.36 0.72
CA GLN A 405 16.09 -18.05 1.94
C GLN A 405 17.12 -16.98 1.54
N VAL A 406 16.84 -15.72 1.80
CA VAL A 406 17.67 -14.58 1.29
C VAL A 406 18.63 -14.15 2.39
N ILE A 407 18.26 -14.33 3.65
CA ILE A 407 19.11 -14.04 4.82
C ILE A 407 19.13 -15.33 5.64
N SER A 408 20.30 -15.77 6.13
CA SER A 408 20.38 -16.99 6.95
C SER A 408 19.45 -16.83 8.15
N PRO A 409 18.80 -17.92 8.57
CA PRO A 409 17.95 -17.89 9.75
C PRO A 409 18.67 -17.37 11.00
N GLU A 410 19.94 -17.72 11.18
CA GLU A 410 20.78 -17.26 12.31
C GLU A 410 20.90 -15.74 12.28
N VAL A 411 21.29 -15.17 11.15
CA VAL A 411 21.42 -13.69 11.00
C VAL A 411 20.03 -13.04 11.17
N ALA A 412 18.99 -13.61 10.58
CA ALA A 412 17.65 -12.99 10.68
C ALA A 412 17.26 -12.94 12.15
N SER A 413 17.49 -14.03 12.86
CA SER A 413 17.17 -14.12 14.30
C SER A 413 17.93 -13.04 15.11
N THR A 414 19.21 -12.90 14.85
CA THR A 414 20.07 -11.89 15.50
C THR A 414 19.51 -10.48 15.21
N VAL A 415 19.23 -10.18 13.95
CA VAL A 415 18.71 -8.82 13.61
C VAL A 415 17.32 -8.61 14.22
N GLN A 416 16.47 -9.63 14.26
CA GLN A 416 15.16 -9.49 14.93
C GLN A 416 15.38 -9.05 16.40
N GLY A 417 16.30 -9.70 17.11
CA GLY A 417 16.59 -9.33 18.51
C GLY A 417 17.09 -7.91 18.65
N MET A 418 17.89 -7.46 17.68
CA MET A 418 18.43 -6.09 17.69
C MET A 418 17.28 -5.10 17.51
N LEU A 419 16.34 -5.41 16.61
CA LEU A 419 15.19 -4.51 16.37
C LEU A 419 14.22 -4.55 17.55
N GLN A 420 14.20 -5.64 18.30
CA GLN A 420 13.38 -5.66 19.54
C GLN A 420 14.01 -4.64 20.53
N GLN A 421 15.33 -4.60 20.59
CA GLN A 421 16.02 -3.61 21.46
C GLN A 421 15.80 -2.19 20.95
N VAL A 422 15.77 -1.97 19.63
CA VAL A 422 15.45 -0.61 19.11
C VAL A 422 14.16 -0.09 19.74
N VAL A 423 13.16 -0.94 19.88
CA VAL A 423 11.82 -0.58 20.44
C VAL A 423 11.86 -0.53 21.98
N GLU A 424 12.55 -1.48 22.62
CA GLU A 424 12.46 -1.73 24.08
C GLU A 424 13.56 -1.04 24.88
N ALA A 425 14.74 -0.82 24.30
CA ALA A 425 15.91 -0.37 25.10
C ALA A 425 15.81 1.13 25.43
N GLN A 426 16.58 1.58 26.43
CA GLN A 426 16.61 3.01 26.82
C GLN A 426 17.09 3.83 25.65
N GLY A 427 16.39 4.92 25.36
CA GLY A 427 16.68 5.83 24.25
C GLY A 427 16.09 5.32 22.94
N GLY A 428 15.43 4.16 22.97
CA GLY A 428 14.79 3.58 21.78
C GLY A 428 13.44 4.17 21.41
N VAL A 429 12.78 3.50 20.46
CA VAL A 429 11.49 3.95 19.91
C VAL A 429 10.37 3.41 20.81
N PHE A 430 10.26 3.92 22.04
CA PHE A 430 9.29 3.37 23.03
C PHE A 430 7.84 3.55 22.56
N ARG A 431 7.52 4.51 21.70
CA ARG A 431 6.13 4.74 21.26
C ARG A 431 5.67 3.61 20.30
N ALA A 432 6.57 2.75 19.82
CA ALA A 432 6.23 1.61 18.92
C ALA A 432 5.87 0.39 19.78
N GLN A 433 6.10 0.46 21.10
CA GLN A 433 5.83 -0.70 21.97
C GLN A 433 4.33 -1.06 21.86
N VAL A 434 4.04 -2.34 21.72
CA VAL A 434 2.66 -2.82 21.39
C VAL A 434 2.06 -3.34 22.69
N PRO A 435 0.92 -2.77 23.15
CA PRO A 435 0.22 -3.28 24.33
C PRO A 435 0.03 -4.80 24.22
N GLY A 436 0.61 -5.54 25.16
CA GLY A 436 0.38 -6.97 25.35
C GLY A 436 1.39 -7.82 24.62
N TYR A 437 2.24 -7.25 23.78
CA TYR A 437 3.24 -8.06 23.04
C TYR A 437 4.62 -7.39 23.04
N HIS A 438 5.64 -8.17 22.68
CA HIS A 438 6.99 -7.68 22.28
C HIS A 438 6.96 -7.35 20.78
N ALA A 439 7.45 -6.17 20.40
CA ALA A 439 7.51 -5.72 19.00
C ALA A 439 8.95 -5.33 18.65
N ALA A 440 9.23 -5.21 17.37
CA ALA A 440 10.59 -4.96 16.87
C ALA A 440 10.45 -4.05 15.66
N GLY A 441 11.40 -3.13 15.46
CA GLY A 441 11.38 -2.36 14.22
C GLY A 441 12.34 -1.20 14.27
N LYS A 442 12.18 -0.29 13.32
CA LYS A 442 13.15 0.80 13.12
C LYS A 442 12.38 2.00 12.59
N SER A 443 12.65 3.18 13.15
CA SER A 443 12.05 4.42 12.67
C SER A 443 13.00 5.06 11.64
N GLY A 444 12.48 5.99 10.85
CA GLY A 444 13.34 6.72 9.92
C GLY A 444 12.67 7.99 9.44
N THR A 445 13.49 8.86 8.85
CA THR A 445 13.06 10.00 8.05
C THR A 445 13.38 9.65 6.60
N ALA A 446 12.35 9.58 5.79
CA ALA A 446 12.50 9.33 4.34
C ALA A 446 12.52 10.67 3.59
N ARG A 447 13.13 10.66 2.41
CA ARG A 447 13.22 11.88 1.55
C ARG A 447 12.50 11.55 0.24
N LYS A 448 11.44 12.31 -0.06
CA LYS A 448 10.57 12.07 -1.23
C LYS A 448 11.43 12.19 -2.48
N VAL A 449 11.24 11.25 -3.42
CA VAL A 449 11.83 11.22 -4.80
C VAL A 449 10.70 11.49 -5.80
N SER A 450 10.88 12.47 -6.69
CA SER A 450 9.91 12.78 -7.77
C SER A 450 10.67 13.01 -9.09
N VAL A 451 9.99 12.78 -10.23
CA VAL A 451 10.57 12.85 -11.61
C VAL A 451 10.00 14.07 -12.33
N ASN A 459 14.15 17.33 -0.49
CA ASN A 459 12.83 17.66 -1.09
C ASN A 459 11.78 17.75 0.03
N ALA A 460 10.69 16.98 -0.07
CA ALA A 460 9.73 16.72 1.02
C ALA A 460 10.15 15.40 1.69
N TYR A 461 9.59 15.18 2.87
CA TYR A 461 10.03 14.13 3.82
C TYR A 461 8.86 13.22 4.14
N ARG A 462 9.19 12.06 4.68
CA ARG A 462 8.16 11.17 5.28
C ARG A 462 8.70 10.65 6.60
N SER A 463 7.80 10.54 7.55
CA SER A 463 8.08 9.92 8.85
C SER A 463 7.70 8.45 8.73
N LEU A 464 8.66 7.56 8.95
CA LEU A 464 8.49 6.11 8.77
C LEU A 464 8.63 5.38 10.09
N PHE A 465 7.86 4.32 10.23
CA PHE A 465 8.18 3.24 11.16
C PHE A 465 7.87 1.93 10.43
N ALA A 466 8.84 1.04 10.44
CA ALA A 466 8.80 -0.30 9.83
C ALA A 466 9.09 -1.31 10.91
N GLY A 467 8.25 -2.34 11.06
CA GLY A 467 8.54 -3.34 12.06
C GLY A 467 7.63 -4.55 11.95
N PHE A 468 7.68 -5.38 12.97
CA PHE A 468 6.99 -6.67 13.00
C PHE A 468 6.84 -7.12 14.44
N ALA A 469 5.98 -8.11 14.58
CA ALA A 469 5.56 -8.63 15.89
C ALA A 469 4.85 -9.96 15.69
N PRO A 470 4.75 -10.80 16.75
CA PRO A 470 5.55 -10.65 17.96
C PRO A 470 7.05 -10.81 17.69
N ALA A 471 7.90 -10.18 18.52
CA ALA A 471 9.35 -10.02 18.27
C ALA A 471 10.07 -11.37 18.25
N THR A 472 9.64 -12.34 19.05
CA THR A 472 10.43 -13.58 19.19
C THR A 472 9.93 -14.60 18.17
N ASP A 473 8.67 -14.49 17.72
CA ASP A 473 8.03 -15.43 16.75
C ASP A 473 7.17 -14.69 15.72
N PRO A 474 7.76 -13.85 14.84
CA PRO A 474 6.97 -12.85 14.12
C PRO A 474 5.88 -13.45 13.23
N ARG A 475 4.74 -12.76 13.17
CA ARG A 475 3.59 -13.12 12.33
C ARG A 475 3.25 -11.98 11.35
N ILE A 476 3.39 -10.73 11.76
CA ILE A 476 2.90 -9.56 10.97
C ILE A 476 4.05 -8.58 10.79
N ALA A 477 4.15 -8.00 9.61
CA ALA A 477 5.06 -6.87 9.34
C ALA A 477 4.21 -5.68 8.93
N MET A 478 4.64 -4.50 9.28
CA MET A 478 3.84 -3.29 9.03
C MET A 478 4.77 -2.11 8.75
N VAL A 479 4.35 -1.25 7.83
CA VAL A 479 5.06 0.03 7.52
C VAL A 479 4.04 1.14 7.63
N VAL A 480 4.37 2.16 8.41
CA VAL A 480 3.56 3.40 8.53
C VAL A 480 4.35 4.56 7.93
N VAL A 481 3.74 5.28 7.01
CA VAL A 481 4.34 6.43 6.30
C VAL A 481 3.44 7.64 6.55
N ILE A 482 4.02 8.70 7.09
CA ILE A 482 3.27 9.96 7.39
C ILE A 482 4.00 11.04 6.58
N ASP A 483 3.31 11.77 5.71
CA ASP A 483 4.04 12.75 4.84
C ASP A 483 4.31 13.99 5.70
N GLU A 484 5.48 14.62 5.57
CA GLU A 484 5.94 15.72 6.44
C GLU A 484 6.61 16.81 5.62
N PRO A 485 6.44 18.12 5.97
CA PRO A 485 7.02 19.23 5.21
C PRO A 485 8.50 19.53 5.52
N SER A 486 8.91 19.43 6.79
CA SER A 486 10.31 19.65 7.25
C SER A 486 10.94 18.30 7.60
N LYS A 487 12.29 18.25 7.58
CA LYS A 487 13.10 17.02 7.82
C LYS A 487 13.25 16.80 9.33
N ALA A 488 13.41 17.88 10.10
CA ALA A 488 13.69 17.87 11.56
C ALA A 488 12.55 17.18 12.32
N GLY A 489 12.70 17.05 13.64
CA GLY A 489 11.66 16.60 14.58
C GLY A 489 11.79 15.14 14.98
N TYR A 490 12.19 14.27 14.04
CA TYR A 490 12.36 12.80 14.22
C TYR A 490 10.99 12.21 14.51
N PHE A 491 10.09 12.53 13.57
CA PHE A 491 8.64 12.25 13.64
C PHE A 491 8.39 10.75 13.39
N GLY A 492 9.36 10.00 12.85
CA GLY A 492 9.23 8.52 12.76
C GLY A 492 8.93 7.94 14.15
N GLY A 493 9.79 8.22 15.12
CA GLY A 493 9.63 7.77 16.52
C GLY A 493 8.38 8.39 17.14
N LEU A 494 7.92 9.55 16.66
CA LEU A 494 6.90 10.37 17.36
C LEU A 494 5.46 10.23 16.81
N VAL A 495 5.21 10.16 15.50
CA VAL A 495 3.83 10.09 14.95
C VAL A 495 3.55 8.73 14.26
N SER A 496 4.50 8.20 13.50
CA SER A 496 4.34 6.91 12.81
CA SER A 496 4.31 6.91 12.81
C SER A 496 4.37 5.75 13.82
N ALA A 497 5.23 5.83 14.83
CA ALA A 497 5.44 4.72 15.77
C ALA A 497 4.15 4.45 16.54
N PRO A 498 3.43 5.47 17.06
CA PRO A 498 2.20 5.20 17.82
C PRO A 498 1.10 4.54 16.96
N VAL A 499 1.05 4.84 15.66
CA VAL A 499 0.08 4.23 14.71
C VAL A 499 0.45 2.74 14.61
N PHE A 500 1.74 2.48 14.48
CA PHE A 500 2.23 1.09 14.47
C PHE A 500 1.76 0.40 15.75
N SER A 501 1.93 1.04 16.90
CA SER A 501 1.58 0.41 18.20
C SER A 501 0.10 -0.02 18.18
N LYS A 502 -0.81 0.90 17.87
CA LYS A 502 -2.27 0.68 17.98
C LYS A 502 -2.71 -0.34 16.92
N VAL A 503 -2.24 -0.18 15.67
CA VAL A 503 -2.67 -1.08 14.57
C VAL A 503 -2.08 -2.48 14.78
N MET A 504 -0.84 -2.59 15.20
CA MET A 504 -0.20 -3.91 15.41
C MET A 504 -0.97 -4.61 16.56
N ALA A 505 -1.27 -3.91 17.63
CA ALA A 505 -2.03 -4.51 18.76
C ALA A 505 -3.36 -5.12 18.26
N GLY A 506 -4.21 -4.33 17.58
CA GLY A 506 -5.51 -4.80 17.09
C GLY A 506 -5.33 -5.93 16.07
N ALA A 507 -4.36 -5.81 15.16
CA ALA A 507 -4.11 -6.85 14.14
C ALA A 507 -3.77 -8.20 14.79
N LEU A 508 -2.83 -8.22 15.75
CA LEU A 508 -2.41 -9.46 16.41
C LEU A 508 -3.62 -10.08 17.14
N ARG A 509 -4.41 -9.29 17.85
CA ARG A 509 -5.60 -9.82 18.58
C ARG A 509 -6.64 -10.33 17.59
N LEU A 510 -6.91 -9.60 16.51
CA LEU A 510 -7.93 -10.02 15.52
C LEU A 510 -7.49 -11.36 14.91
N MET A 511 -6.19 -11.60 14.86
CA MET A 511 -5.67 -12.85 14.28
C MET A 511 -5.41 -13.89 15.37
N ASN A 512 -5.84 -13.63 16.61
CA ASN A 512 -5.72 -14.58 17.74
C ASN A 512 -4.26 -14.96 17.95
N VAL A 513 -3.32 -14.06 17.70
CA VAL A 513 -1.89 -14.37 17.94
C VAL A 513 -1.66 -14.34 19.45
N PRO A 514 -1.09 -15.40 20.06
CA PRO A 514 -0.97 -15.42 21.52
C PRO A 514 -0.03 -14.33 21.96
N PRO A 515 -0.44 -13.46 22.92
CA PRO A 515 0.45 -12.49 23.52
C PRO A 515 1.73 -13.20 23.97
N ASP A 516 2.88 -12.60 23.71
CA ASP A 516 4.23 -13.05 24.17
C ASP A 516 4.75 -12.13 25.31
N ASN A 517 3.97 -11.16 25.79
CA ASN A 517 4.16 -10.57 27.16
C ASN A 517 3.49 -11.53 28.16
N LEU A 518 4.30 -12.35 28.82
CA LEU A 518 3.79 -13.51 29.62
C LEU A 518 3.60 -13.08 31.08
N PRO A 519 2.51 -13.55 31.73
CA PRO A 519 2.34 -13.43 33.20
C PRO A 519 3.60 -13.64 34.05
C1 GOL B . 31.17 2.83 -11.55
O1 GOL B . 31.05 1.49 -11.10
C2 GOL B . 30.23 3.75 -10.80
O2 GOL B . 31.01 4.82 -10.23
C3 GOL B . 29.12 4.33 -11.66
O3 GOL B . 27.86 3.72 -11.47
C1 RY2 C . 18.17 7.78 11.93
N1 RY2 C . 12.14 8.94 13.48
C2 RY2 C . 17.76 9.11 11.83
N2 RY2 C . 12.21 9.87 12.58
C3 RY2 C . 16.46 9.46 12.08
C4 RY2 C . 15.55 8.49 12.50
C5 RY2 C . 14.13 8.82 12.68
C6 RY2 C . 15.98 7.16 12.59
B RY2 C . 17.70 5.20 12.22
C RY2 C . 17.28 6.76 12.28
N3 RY2 C . 13.47 9.83 12.11
N RY2 C . 13.32 8.26 13.57
S DMS D . 15.88 8.23 16.16
O DMS D . 16.04 9.72 16.29
C1 DMS D . 14.88 7.71 17.53
C2 DMS D . 17.40 7.50 16.67
#